data_5OLO
#
_entry.id   5OLO
#
_cell.length_a   39.383
_cell.length_b   181.013
_cell.length_c   141.774
_cell.angle_alpha   90.00
_cell.angle_beta   90.00
_cell.angle_gamma   90.00
#
_symmetry.space_group_name_H-M   'C 2 2 21'
#
loop_
_entity.id
_entity.type
_entity.pdbx_description
1 polymer 'Adenosine receptor A2a,Soluble cytochrome b562,Adenosine receptor A2a'
2 non-polymer ~{N}-(4-methoxy-7-morpholin-4-yl-1,3-benzothiazol-2-yl)-4-methyl-4-oxidanyl-piperidine-1-carboxamide
3 non-polymer CHOLESTEROL
4 non-polymer 'OLEIC ACID'
5 non-polymer '(2R)-2,3-dihydroxypropyl (9Z)-octadec-9-enoate'
6 non-polymer 'SODIUM ION'
7 water water
#
_entity_poly.entity_id   1
_entity_poly.type   'polypeptide(L)'
_entity_poly.pdbx_seq_one_letter_code
;ADYKDDDDGAPPIMGSSVYITVELAIAVLAILGNVLVCWAVWLNSNLQNVTNYFVVSLAAADILVGVLAIPFAITISTGF
CAACHGCLFIACFVLVLAQSSIFSLLAIAIDRYIAIAIPLRYNGLVTGTRAAGIIAICWVLSFAIGLTPMLGWNNCGQPK
EGKAHSQGCGEGQVACLFEDVVPMNYMVYFNFFACVLVPLLLMLGVYLRIFAAARRQLADLEDNWETLNDNLKVIEKADN
AAQVKDALTKMRAAALDAQKATPPKLEDKSPDSPEMKDFRHGFDILVGQIDDALKLANEGKVKEAQAAAEQLKTTRNAYI
QKYLERARSTLQKEVHAAKSAAIIAGLFALCWLPLHIINCFTFFCPDCSHAPLWLMYLAIVLAHTNSVVNPFIYAYRIRE
FRQTFRKIIRSHVLRQQEPFKAAAHHHHHHHHHH
;
_entity_poly.pdbx_strand_id   A
#
loop_
_chem_comp.id
_chem_comp.type
_chem_comp.name
_chem_comp.formula
9XW non-polymer ~{N}-(4-methoxy-7-morpholin-4-yl-1,3-benzothiazol-2-yl)-4-methyl-4-oxidanyl-piperidine-1-carboxamide 'C19 H26 N4 O4 S'
CLR non-polymer CHOLESTEROL 'C27 H46 O'
NA non-polymer 'SODIUM ION' 'Na 1'
OLA non-polymer 'OLEIC ACID' 'C18 H34 O2'
OLC non-polymer '(2R)-2,3-dihydroxypropyl (9Z)-octadec-9-enoate' 'C21 H40 O4'
#
# COMPACT_ATOMS: atom_id res chain seq x y z
N GLY A 9 -19.42 20.02 -37.78
CA GLY A 9 -18.77 19.71 -36.51
C GLY A 9 -17.41 20.35 -36.37
N ALA A 10 -17.05 20.70 -35.14
CA ALA A 10 -15.77 21.36 -34.88
C ALA A 10 -14.61 20.42 -35.21
N PRO A 11 -13.46 20.96 -35.63
CA PRO A 11 -12.34 20.11 -36.04
C PRO A 11 -11.81 19.30 -34.87
N PRO A 12 -11.59 17.99 -35.06
CA PRO A 12 -11.07 17.15 -33.97
C PRO A 12 -9.64 17.48 -33.58
N ILE A 13 -8.91 18.25 -34.37
CA ILE A 13 -7.53 18.59 -34.02
C ILE A 13 -7.49 19.59 -32.89
N MET A 14 -8.52 20.44 -32.76
CA MET A 14 -8.54 21.43 -31.70
C MET A 14 -8.83 20.78 -30.35
N GLY A 15 -9.89 19.96 -30.29
CA GLY A 15 -10.19 19.26 -29.05
C GLY A 15 -9.08 18.32 -28.62
N SER A 16 -8.35 17.74 -29.58
CA SER A 16 -7.24 16.87 -29.25
C SER A 16 -6.08 17.65 -28.64
N SER A 17 -5.94 18.93 -29.00
CA SER A 17 -4.82 19.73 -28.53
C SER A 17 -4.85 19.89 -27.00
N VAL A 18 -6.03 20.08 -26.43
CA VAL A 18 -6.15 20.13 -24.98
C VAL A 18 -5.75 18.80 -24.37
N TYR A 19 -6.31 17.71 -24.89
CA TYR A 19 -6.02 16.39 -24.34
C TYR A 19 -4.53 16.05 -24.46
N ILE A 20 -3.95 16.28 -25.63
CA ILE A 20 -2.54 15.93 -25.85
C ILE A 20 -1.63 16.71 -24.91
N THR A 21 -1.88 18.02 -24.76
CA THR A 21 -1.01 18.83 -23.90
C THR A 21 -1.17 18.45 -22.43
N VAL A 22 -2.39 18.22 -21.98
CA VAL A 22 -2.60 17.74 -20.62
C VAL A 22 -1.95 16.37 -20.42
N GLU A 23 -1.98 15.52 -21.44
CA GLU A 23 -1.30 14.23 -21.37
C GLU A 23 0.20 14.41 -21.28
N LEU A 24 0.76 15.31 -22.10
CA LEU A 24 2.20 15.53 -22.06
C LEU A 24 2.64 16.18 -20.75
N ALA A 25 1.79 17.04 -20.17
CA ALA A 25 2.11 17.60 -18.86
C ALA A 25 2.20 16.52 -17.81
N ILE A 26 1.30 15.53 -17.85
CA ILE A 26 1.31 14.44 -16.88
C ILE A 26 2.56 13.58 -17.05
N ALA A 27 2.91 13.25 -18.29
CA ALA A 27 4.06 12.38 -18.52
C ALA A 27 5.35 13.00 -17.97
N VAL A 28 5.48 14.32 -18.11
CA VAL A 28 6.65 15.00 -17.56
C VAL A 28 6.66 14.92 -16.05
N LEU A 29 5.51 15.16 -15.42
CA LEU A 29 5.41 15.04 -13.97
C LEU A 29 5.62 13.59 -13.52
N ALA A 30 5.10 12.63 -14.29
CA ALA A 30 5.23 11.23 -13.91
C ALA A 30 6.69 10.79 -13.90
N ILE A 31 7.44 11.17 -14.94
CA ILE A 31 8.83 10.75 -15.04
C ILE A 31 9.68 11.45 -13.97
N LEU A 32 9.55 12.77 -13.87
CA LEU A 32 10.38 13.53 -12.95
C LEU A 32 10.12 13.13 -11.50
N GLY A 33 8.85 13.02 -11.11
CA GLY A 33 8.54 12.71 -9.72
C GLY A 33 9.01 11.34 -9.29
N ASN A 34 8.92 10.35 -10.18
CA ASN A 34 9.25 8.99 -9.79
C ASN A 34 10.70 8.64 -10.01
N VAL A 35 11.39 9.32 -10.94
CA VAL A 35 12.85 9.22 -10.97
C VAL A 35 13.42 9.71 -9.65
N LEU A 36 12.78 10.72 -9.04
CA LEU A 36 13.22 11.21 -7.74
C LEU A 36 13.04 10.17 -6.65
N VAL A 37 11.97 9.37 -6.73
CA VAL A 37 11.76 8.30 -5.77
C VAL A 37 12.89 7.27 -5.88
N CYS A 38 13.13 6.76 -7.10
CA CYS A 38 14.20 5.80 -7.30
C CYS A 38 15.54 6.39 -6.90
N TRP A 39 15.79 7.65 -7.24
CA TRP A 39 17.07 8.28 -6.91
C TRP A 39 17.27 8.35 -5.40
N ALA A 40 16.21 8.63 -4.65
CA ALA A 40 16.32 8.69 -3.20
C ALA A 40 16.58 7.30 -2.60
N VAL A 41 16.04 6.25 -3.21
CA VAL A 41 16.25 4.91 -2.69
C VAL A 41 17.64 4.40 -3.06
N TRP A 42 18.17 4.80 -4.21
CA TRP A 42 19.51 4.35 -4.61
C TRP A 42 20.60 5.01 -3.78
N LEU A 43 20.33 6.19 -3.22
CA LEU A 43 21.34 6.91 -2.46
C LEU A 43 21.22 6.64 -0.97
N ASN A 44 20.24 7.26 -0.32
CA ASN A 44 20.07 7.14 1.12
C ASN A 44 19.86 5.70 1.54
N SER A 45 20.85 5.12 2.21
CA SER A 45 20.77 3.72 2.59
C SER A 45 19.68 3.45 3.62
N ASN A 46 19.22 4.48 4.34
CA ASN A 46 18.15 4.28 5.31
C ASN A 46 16.81 4.00 4.64
N LEU A 47 16.64 4.39 3.38
CA LEU A 47 15.43 4.08 2.64
C LEU A 47 15.46 2.69 2.01
N GLN A 48 16.64 2.08 1.91
CA GLN A 48 16.77 0.76 1.29
C GLN A 48 16.22 -0.29 2.23
N ASN A 49 14.98 -0.71 1.98
CA ASN A 49 14.39 -1.83 2.68
C ASN A 49 13.41 -2.51 1.72
N VAL A 50 12.86 -3.63 2.16
CA VAL A 50 11.97 -4.40 1.29
C VAL A 50 10.75 -3.60 0.90
N THR A 51 10.22 -2.80 1.82
CA THR A 51 9.03 -2.01 1.53
C THR A 51 9.28 -1.03 0.39
N ASN A 52 10.40 -0.31 0.45
CA ASN A 52 10.69 0.67 -0.58
C ASN A 52 11.13 0.04 -1.90
N TYR A 53 11.52 -1.24 -1.88
CA TYR A 53 11.77 -1.93 -3.15
C TYR A 53 10.49 -2.06 -3.95
N PHE A 54 9.40 -2.45 -3.29
CA PHE A 54 8.10 -2.42 -3.94
C PHE A 54 7.72 -1.00 -4.35
N VAL A 55 8.16 -0.01 -3.57
CA VAL A 55 7.93 1.39 -3.94
C VAL A 55 8.66 1.72 -5.24
N VAL A 56 9.92 1.32 -5.35
CA VAL A 56 10.65 1.52 -6.59
C VAL A 56 10.02 0.71 -7.72
N SER A 57 9.61 -0.53 -7.44
CA SER A 57 8.86 -1.30 -8.41
C SER A 57 7.58 -0.57 -8.81
N LEU A 58 7.01 0.20 -7.88
CA LEU A 58 5.81 0.98 -8.18
C LEU A 58 6.16 2.21 -9.01
N ALA A 59 7.25 2.89 -8.66
CA ALA A 59 7.67 4.08 -9.40
C ALA A 59 8.10 3.72 -10.82
N ALA A 60 8.74 2.57 -10.98
CA ALA A 60 9.14 2.12 -12.31
C ALA A 60 7.94 1.94 -13.23
N ALA A 61 6.84 1.43 -12.68
CA ALA A 61 5.61 1.35 -13.48
C ALA A 61 5.14 2.73 -13.89
N ASP A 62 5.21 3.70 -12.96
CA ASP A 62 4.73 5.05 -13.25
C ASP A 62 5.64 5.76 -14.24
N ILE A 63 6.95 5.51 -14.19
CA ILE A 63 7.85 6.08 -15.19
C ILE A 63 7.50 5.57 -16.57
N LEU A 64 7.31 4.25 -16.70
CA LEU A 64 6.93 3.67 -17.97
C LEU A 64 5.57 4.16 -18.45
N VAL A 65 4.69 4.54 -17.52
CA VAL A 65 3.44 5.18 -17.92
C VAL A 65 3.71 6.47 -18.69
N GLY A 66 4.65 7.27 -18.19
CA GLY A 66 4.97 8.52 -18.87
C GLY A 66 5.87 8.35 -20.08
N VAL A 67 6.71 7.32 -20.07
CA VAL A 67 7.63 7.11 -21.17
C VAL A 67 6.94 6.45 -22.36
N LEU A 68 6.08 5.46 -22.10
CA LEU A 68 5.49 4.67 -23.17
C LEU A 68 3.97 4.70 -23.19
N ALA A 69 3.32 4.51 -22.04
CA ALA A 69 1.87 4.35 -22.03
C ALA A 69 1.17 5.63 -22.47
N ILE A 70 1.55 6.77 -21.92
CA ILE A 70 0.93 8.04 -22.32
C ILE A 70 1.18 8.34 -23.80
N PRO A 71 2.40 8.20 -24.34
CA PRO A 71 2.54 8.31 -25.81
C PRO A 71 1.62 7.37 -26.58
N PHE A 72 1.40 6.15 -26.09
CA PHE A 72 0.47 5.24 -26.77
C PHE A 72 -0.94 5.82 -26.79
N ALA A 73 -1.41 6.32 -25.64
CA ALA A 73 -2.76 6.85 -25.56
C ALA A 73 -2.97 8.01 -26.52
N ILE A 74 -1.93 8.80 -26.76
CA ILE A 74 -2.01 9.88 -27.74
C ILE A 74 -2.13 9.31 -29.14
N THR A 75 -1.40 8.23 -29.42
CA THR A 75 -1.39 7.66 -30.76
C THR A 75 -2.74 7.06 -31.11
N ILE A 76 -3.40 6.41 -30.15
CA ILE A 76 -4.72 5.86 -30.39
C ILE A 76 -5.74 6.99 -30.58
N SER A 77 -5.53 8.13 -29.92
CA SER A 77 -6.42 9.27 -30.07
C SER A 77 -6.54 9.72 -31.52
N THR A 78 -5.53 9.44 -32.35
CA THR A 78 -5.62 9.75 -33.77
C THR A 78 -6.47 8.73 -34.51
N GLY A 79 -6.45 7.46 -34.09
CA GLY A 79 -7.12 6.42 -34.84
C GLY A 79 -6.34 5.91 -36.02
N PHE A 80 -5.01 5.94 -35.93
CA PHE A 80 -4.14 5.60 -37.05
C PHE A 80 -4.34 4.15 -37.48
N CYS A 81 -4.12 3.91 -38.77
CA CYS A 81 -4.20 2.56 -39.29
C CYS A 81 -3.01 1.73 -38.83
N ALA A 82 -3.25 0.46 -38.56
CA ALA A 82 -2.20 -0.45 -38.10
C ALA A 82 -2.73 -1.88 -38.15
N ALA A 83 -1.82 -2.83 -38.17
CA ALA A 83 -2.19 -4.22 -38.01
C ALA A 83 -2.86 -4.42 -36.65
N CYS A 84 -3.76 -5.40 -36.57
CA CYS A 84 -4.59 -5.51 -35.38
C CYS A 84 -3.76 -5.87 -34.15
N HIS A 85 -2.84 -6.83 -34.28
CA HIS A 85 -2.04 -7.23 -33.12
C HIS A 85 -1.08 -6.13 -32.68
N GLY A 86 -0.56 -5.35 -33.63
CA GLY A 86 0.23 -4.20 -33.25
C GLY A 86 -0.58 -3.18 -32.48
N CYS A 87 -1.73 -2.79 -33.02
CA CYS A 87 -2.65 -1.93 -32.30
C CYS A 87 -3.04 -2.54 -30.95
N LEU A 88 -3.26 -3.86 -30.93
CA LEU A 88 -3.64 -4.54 -29.70
C LEU A 88 -2.59 -4.38 -28.60
N PHE A 89 -1.31 -4.28 -28.98
CA PHE A 89 -0.27 -4.07 -27.99
C PHE A 89 -0.28 -2.63 -27.47
N ILE A 90 -0.45 -1.66 -28.37
CA ILE A 90 -0.53 -0.26 -27.97
C ILE A 90 -1.68 -0.06 -26.98
N ALA A 91 -2.83 -0.67 -27.25
CA ALA A 91 -4.01 -0.48 -26.42
C ALA A 91 -3.93 -1.22 -25.09
N CYS A 92 -3.07 -2.23 -24.97
CA CYS A 92 -3.05 -3.07 -23.79
C CYS A 92 -1.86 -2.86 -22.87
N PHE A 93 -0.79 -2.25 -23.36
CA PHE A 93 0.43 -2.18 -22.56
C PHE A 93 0.20 -1.47 -21.22
N VAL A 94 -0.73 -0.52 -21.17
CA VAL A 94 -1.00 0.17 -19.92
C VAL A 94 -1.62 -0.78 -18.90
N LEU A 95 -2.34 -1.79 -19.36
CA LEU A 95 -2.87 -2.80 -18.44
C LEU A 95 -1.75 -3.58 -17.75
N VAL A 96 -0.62 -3.75 -18.43
CA VAL A 96 0.53 -4.42 -17.82
C VAL A 96 1.04 -3.57 -16.66
N LEU A 97 1.31 -2.30 -16.91
CA LEU A 97 1.79 -1.42 -15.85
C LEU A 97 0.77 -1.27 -14.74
N ALA A 98 -0.51 -1.18 -15.09
CA ALA A 98 -1.55 -1.06 -14.08
C ALA A 98 -1.66 -2.33 -13.25
N GLN A 99 -1.49 -3.50 -13.87
CA GLN A 99 -1.50 -4.74 -13.11
C GLN A 99 -0.27 -4.84 -12.21
N SER A 100 0.89 -4.44 -12.74
CA SER A 100 2.10 -4.40 -11.93
C SER A 100 1.92 -3.52 -10.69
N SER A 101 1.19 -2.41 -10.85
CA SER A 101 0.96 -1.52 -9.73
C SER A 101 0.15 -2.19 -8.63
N ILE A 102 -0.83 -3.00 -9.01
CA ILE A 102 -1.66 -3.69 -8.03
C ILE A 102 -0.83 -4.66 -7.22
N PHE A 103 -0.02 -5.47 -7.90
CA PHE A 103 0.84 -6.43 -7.20
C PHE A 103 1.78 -5.71 -6.25
N SER A 104 2.35 -4.58 -6.68
CA SER A 104 3.20 -3.81 -5.80
C SER A 104 2.42 -3.27 -4.60
N LEU A 105 1.21 -2.77 -4.84
CA LEU A 105 0.40 -2.25 -3.74
C LEU A 105 0.03 -3.36 -2.76
N LEU A 106 -0.32 -4.54 -3.27
CA LEU A 106 -0.67 -5.64 -2.39
C LEU A 106 0.55 -6.15 -1.62
N ALA A 107 1.73 -6.09 -2.23
CA ALA A 107 2.94 -6.50 -1.53
C ALA A 107 3.23 -5.56 -0.37
N ILE A 108 3.10 -4.26 -0.59
CA ILE A 108 3.39 -3.28 0.45
C ILE A 108 2.53 -3.53 1.69
N ALA A 109 1.23 -3.74 1.47
CA ALA A 109 0.32 -3.95 2.61
C ALA A 109 0.66 -5.25 3.34
N ILE A 110 0.92 -6.32 2.60
CA ILE A 110 1.28 -7.58 3.24
C ILE A 110 2.56 -7.42 4.05
N ASP A 111 3.54 -6.70 3.50
CA ASP A 111 4.77 -6.43 4.25
C ASP A 111 4.47 -5.70 5.56
N ARG A 112 3.56 -4.72 5.52
CA ARG A 112 3.24 -3.97 6.72
C ARG A 112 2.51 -4.85 7.73
N TYR A 113 1.69 -5.78 7.26
CA TYR A 113 1.02 -6.70 8.17
C TYR A 113 2.04 -7.59 8.88
N ILE A 114 2.98 -8.15 8.12
CA ILE A 114 4.00 -9.02 8.71
C ILE A 114 4.78 -8.27 9.77
N ALA A 115 5.05 -6.98 9.54
CA ALA A 115 5.83 -6.19 10.50
C ALA A 115 5.02 -5.91 11.75
N ILE A 116 3.73 -5.58 11.60
CA ILE A 116 2.92 -5.26 12.77
C ILE A 116 2.43 -6.53 13.47
N ALA A 117 2.26 -7.63 12.75
CA ALA A 117 1.74 -8.86 13.36
C ALA A 117 2.83 -9.64 14.08
N ILE A 118 3.84 -10.09 13.34
CA ILE A 118 4.91 -10.88 13.92
C ILE A 118 6.24 -10.14 13.77
N PRO A 119 6.47 -9.09 14.57
CA PRO A 119 7.73 -8.33 14.41
C PRO A 119 8.95 -9.10 14.89
N LEU A 120 8.77 -10.13 15.71
CA LEU A 120 9.91 -10.83 16.30
C LEU A 120 10.74 -11.52 15.24
N ARG A 121 10.10 -12.16 14.26
CA ARG A 121 10.79 -12.88 13.20
C ARG A 121 10.52 -12.27 11.84
N TYR A 122 10.26 -10.96 11.79
CA TYR A 122 10.05 -10.29 10.51
C TYR A 122 11.34 -10.24 9.70
N ASN A 123 12.47 -10.01 10.37
CA ASN A 123 13.74 -9.88 9.65
C ASN A 123 14.16 -11.20 9.03
N GLY A 124 13.83 -12.33 9.65
CA GLY A 124 14.12 -13.61 9.04
C GLY A 124 13.13 -13.99 7.96
N LEU A 125 11.88 -13.56 8.09
CA LEU A 125 10.86 -13.91 7.11
C LEU A 125 11.03 -13.11 5.83
N VAL A 126 10.94 -11.79 5.94
CA VAL A 126 10.99 -10.90 4.78
C VAL A 126 12.44 -10.57 4.48
N THR A 127 12.95 -11.06 3.36
CA THR A 127 14.35 -10.93 2.97
C THR A 127 14.48 -9.97 1.80
N GLY A 128 15.67 -9.37 1.67
CA GLY A 128 15.91 -8.44 0.58
C GLY A 128 15.94 -9.13 -0.78
N THR A 129 16.60 -10.28 -0.88
CA THR A 129 16.68 -10.98 -2.16
C THR A 129 15.42 -11.76 -2.49
N ARG A 130 14.56 -12.05 -1.51
CA ARG A 130 13.28 -12.67 -1.81
C ARG A 130 12.30 -11.66 -2.40
N ALA A 131 12.37 -10.40 -1.96
CA ALA A 131 11.51 -9.38 -2.54
C ALA A 131 11.84 -9.14 -4.00
N ALA A 132 13.14 -9.11 -4.33
CA ALA A 132 13.54 -8.97 -5.73
C ALA A 132 12.96 -10.10 -6.58
N GLY A 133 12.92 -11.32 -6.03
CA GLY A 133 12.33 -12.42 -6.75
C GLY A 133 10.83 -12.29 -6.89
N ILE A 134 10.16 -11.81 -5.84
CA ILE A 134 8.72 -11.59 -5.93
C ILE A 134 8.40 -10.50 -6.94
N ILE A 135 9.18 -9.41 -6.92
CA ILE A 135 8.96 -8.31 -7.87
C ILE A 135 9.09 -8.80 -9.30
N ALA A 136 10.12 -9.62 -9.56
CA ALA A 136 10.31 -10.18 -10.89
C ALA A 136 9.09 -11.02 -11.30
N ILE A 137 8.66 -11.92 -10.41
CA ILE A 137 7.53 -12.79 -10.73
C ILE A 137 6.26 -11.98 -10.97
N CYS A 138 6.06 -10.92 -10.17
CA CYS A 138 4.88 -10.07 -10.36
C CYS A 138 4.91 -9.33 -11.69
N TRP A 139 6.10 -8.96 -12.16
CA TRP A 139 6.18 -8.28 -13.46
C TRP A 139 5.87 -9.23 -14.60
N VAL A 140 6.33 -10.47 -14.51
CA VAL A 140 6.03 -11.46 -15.54
C VAL A 140 4.53 -11.69 -15.61
N LEU A 141 3.89 -11.88 -14.45
CA LEU A 141 2.45 -12.08 -14.42
C LEU A 141 1.70 -10.89 -15.00
N SER A 142 2.21 -9.68 -14.76
CA SER A 142 1.54 -8.48 -15.24
C SER A 142 1.53 -8.41 -16.76
N PHE A 143 2.61 -8.86 -17.39
CA PHE A 143 2.60 -8.98 -18.85
C PHE A 143 1.60 -10.04 -19.30
N ALA A 144 1.54 -11.17 -18.57
CA ALA A 144 0.60 -12.23 -18.92
C ALA A 144 -0.84 -11.74 -18.81
N ILE A 145 -1.18 -11.10 -17.68
CA ILE A 145 -2.54 -10.65 -17.47
C ILE A 145 -2.88 -9.51 -18.43
N GLY A 146 -1.99 -8.53 -18.54
CA GLY A 146 -2.29 -7.35 -19.34
C GLY A 146 -2.31 -7.62 -20.83
N LEU A 147 -1.50 -8.58 -21.29
CA LEU A 147 -1.44 -8.91 -22.72
C LEU A 147 -2.25 -10.16 -23.05
N THR A 148 -3.15 -10.56 -22.16
CA THR A 148 -4.06 -11.66 -22.48
C THR A 148 -4.81 -11.47 -23.79
N PRO A 149 -5.29 -10.28 -24.16
CA PRO A 149 -5.91 -10.14 -25.48
C PRO A 149 -5.01 -10.59 -26.62
N MET A 150 -3.69 -10.42 -26.49
CA MET A 150 -2.79 -10.82 -27.55
C MET A 150 -2.70 -12.33 -27.69
N LEU A 151 -3.15 -13.08 -26.68
CA LEU A 151 -3.13 -14.53 -26.74
C LEU A 151 -4.34 -15.12 -27.46
N GLY A 152 -5.29 -14.28 -27.89
CA GLY A 152 -6.42 -14.78 -28.64
C GLY A 152 -7.75 -14.14 -28.27
N TRP A 153 -7.85 -13.68 -27.02
CA TRP A 153 -9.08 -13.08 -26.52
C TRP A 153 -9.16 -11.62 -26.98
N ASN A 154 -9.46 -11.45 -28.27
CA ASN A 154 -9.54 -10.13 -28.87
C ASN A 154 -10.57 -10.15 -30.00
N ASN A 155 -10.77 -8.98 -30.61
CA ASN A 155 -11.72 -8.83 -31.71
C ASN A 155 -11.03 -8.71 -33.06
N CYS A 156 -9.78 -9.17 -33.17
CA CYS A 156 -9.11 -9.11 -34.46
C CYS A 156 -9.75 -10.04 -35.49
N GLY A 157 -10.56 -11.01 -35.04
CA GLY A 157 -11.18 -11.94 -35.97
C GLY A 157 -12.27 -11.31 -36.80
N GLN A 158 -13.00 -10.34 -36.24
CA GLN A 158 -14.11 -9.67 -36.92
C GLN A 158 -13.83 -8.17 -37.00
N PRO A 159 -12.92 -7.75 -37.88
CA PRO A 159 -12.59 -6.33 -37.98
C PRO A 159 -13.76 -5.52 -38.55
N LYS A 160 -13.76 -4.24 -38.21
CA LYS A 160 -14.69 -3.30 -38.80
C LYS A 160 -14.08 -2.85 -40.14
N GLU A 161 -14.43 -3.56 -41.20
CA GLU A 161 -13.86 -3.24 -42.51
C GLU A 161 -14.36 -1.90 -43.04
N GLY A 162 -15.58 -1.51 -42.69
CA GLY A 162 -16.11 -0.24 -43.16
C GLY A 162 -15.38 0.95 -42.57
N LYS A 163 -15.03 0.88 -41.28
CA LYS A 163 -14.20 1.93 -40.68
C LYS A 163 -12.78 1.89 -41.21
N ALA A 164 -12.29 0.70 -41.57
CA ALA A 164 -10.94 0.59 -42.10
C ALA A 164 -10.84 1.19 -43.49
N HIS A 165 -11.81 0.90 -44.35
CA HIS A 165 -11.81 1.45 -45.70
C HIS A 165 -12.18 2.93 -45.71
N SER A 166 -12.98 3.38 -44.74
CA SER A 166 -13.33 4.79 -44.65
C SER A 166 -12.10 5.66 -44.41
N GLN A 167 -11.12 5.15 -43.67
CA GLN A 167 -9.91 5.89 -43.37
C GLN A 167 -8.72 5.41 -44.19
N GLY A 168 -8.94 4.58 -45.19
CA GLY A 168 -7.90 4.18 -46.12
C GLY A 168 -6.79 3.37 -45.50
N CYS A 169 -7.13 2.38 -44.69
CA CYS A 169 -6.13 1.49 -44.12
C CYS A 169 -5.71 0.45 -45.14
N GLY A 170 -4.45 0.05 -45.07
CA GLY A 170 -3.91 -0.95 -45.97
C GLY A 170 -4.53 -2.32 -45.71
N GLU A 171 -4.08 -3.28 -46.52
CA GLU A 171 -4.54 -4.65 -46.35
C GLU A 171 -4.09 -5.19 -45.01
N GLY A 172 -4.97 -5.94 -44.35
CA GLY A 172 -4.66 -6.48 -43.04
C GLY A 172 -4.55 -5.46 -41.94
N GLN A 173 -4.87 -4.20 -42.20
CA GLN A 173 -4.84 -3.16 -41.19
C GLN A 173 -6.26 -2.77 -40.79
N VAL A 174 -6.36 -2.11 -39.63
CA VAL A 174 -7.64 -1.66 -39.09
C VAL A 174 -7.44 -0.30 -38.46
N ALA A 175 -8.55 0.42 -38.30
CA ALA A 175 -8.55 1.66 -37.53
C ALA A 175 -8.28 1.33 -36.07
N CYS A 176 -7.20 1.86 -35.51
CA CYS A 176 -6.78 1.50 -34.17
C CYS A 176 -7.64 2.23 -33.15
N LEU A 177 -8.41 1.46 -32.38
CA LEU A 177 -9.24 2.00 -31.31
C LEU A 177 -9.34 0.95 -30.23
N PHE A 178 -9.26 1.39 -28.96
CA PHE A 178 -9.24 0.44 -27.85
C PHE A 178 -10.47 -0.45 -27.85
N GLU A 179 -11.66 0.15 -27.96
CA GLU A 179 -12.88 -0.65 -27.93
C GLU A 179 -13.04 -1.52 -29.17
N ASP A 180 -12.38 -1.17 -30.28
CA ASP A 180 -12.52 -1.94 -31.51
C ASP A 180 -11.70 -3.22 -31.50
N VAL A 181 -10.66 -3.32 -30.66
CA VAL A 181 -9.80 -4.48 -30.65
C VAL A 181 -9.80 -5.23 -29.33
N VAL A 182 -10.18 -4.61 -28.23
CA VAL A 182 -10.17 -5.24 -26.91
C VAL A 182 -11.62 -5.54 -26.52
N PRO A 183 -11.99 -6.81 -26.34
CA PRO A 183 -13.38 -7.14 -26.04
C PRO A 183 -13.79 -6.62 -24.67
N MET A 184 -15.01 -6.11 -24.58
N MET A 184 -15.02 -6.10 -24.58
CA MET A 184 -15.46 -5.49 -23.34
CA MET A 184 -15.50 -5.49 -23.35
C MET A 184 -15.70 -6.51 -22.23
C MET A 184 -15.71 -6.51 -22.24
N ASN A 185 -15.83 -7.80 -22.56
CA ASN A 185 -15.99 -8.81 -21.52
C ASN A 185 -14.67 -9.16 -20.86
N TYR A 186 -13.56 -9.08 -21.59
CA TYR A 186 -12.26 -9.18 -20.95
C TYR A 186 -12.04 -8.02 -19.97
N MET A 187 -12.41 -6.81 -20.38
CA MET A 187 -12.18 -5.64 -19.54
C MET A 187 -12.98 -5.72 -18.25
N VAL A 188 -14.23 -6.17 -18.34
CA VAL A 188 -15.10 -6.15 -17.16
C VAL A 188 -14.88 -7.38 -16.29
N TYR A 189 -14.99 -8.57 -16.88
CA TYR A 189 -14.89 -9.81 -16.10
C TYR A 189 -13.45 -10.12 -15.72
N PHE A 190 -12.53 -10.08 -16.68
CA PHE A 190 -11.16 -10.53 -16.46
C PHE A 190 -10.32 -9.43 -15.82
N ASN A 191 -10.26 -8.27 -16.46
CA ASN A 191 -9.37 -7.21 -15.97
C ASN A 191 -9.91 -6.58 -14.70
N PHE A 192 -11.14 -6.05 -14.76
CA PHE A 192 -11.66 -5.28 -13.64
C PHE A 192 -12.04 -6.17 -12.44
N PHE A 193 -12.94 -7.13 -12.66
CA PHE A 193 -13.48 -7.91 -11.54
C PHE A 193 -12.41 -8.75 -10.88
N ALA A 194 -11.67 -9.55 -11.66
CA ALA A 194 -10.77 -10.54 -11.10
C ALA A 194 -9.38 -9.99 -10.78
N CYS A 195 -8.79 -9.21 -11.69
CA CYS A 195 -7.41 -8.78 -11.55
C CYS A 195 -7.25 -7.37 -11.03
N VAL A 196 -8.35 -6.69 -10.68
CA VAL A 196 -8.27 -5.34 -10.15
C VAL A 196 -9.14 -5.22 -8.90
N LEU A 197 -10.42 -5.61 -9.03
CA LEU A 197 -11.37 -5.38 -7.95
C LEU A 197 -11.13 -6.33 -6.78
N VAL A 198 -10.94 -7.62 -7.06
CA VAL A 198 -10.67 -8.58 -5.98
C VAL A 198 -9.37 -8.27 -5.25
N PRO A 199 -8.24 -8.01 -5.93
CA PRO A 199 -7.04 -7.63 -5.19
C PRO A 199 -7.19 -6.37 -4.34
N LEU A 200 -7.96 -5.38 -4.80
CA LEU A 200 -8.18 -4.19 -3.99
C LEU A 200 -9.01 -4.50 -2.74
N LEU A 201 -10.01 -5.37 -2.88
CA LEU A 201 -10.75 -5.81 -1.70
C LEU A 201 -9.85 -6.55 -0.73
N LEU A 202 -9.02 -7.48 -1.25
CA LEU A 202 -8.05 -8.16 -0.40
C LEU A 202 -7.12 -7.16 0.27
N MET A 203 -6.62 -6.20 -0.50
CA MET A 203 -5.82 -5.12 0.08
C MET A 203 -6.57 -4.43 1.21
N LEU A 204 -7.85 -4.09 0.98
CA LEU A 204 -8.66 -3.44 2.00
C LEU A 204 -8.80 -4.32 3.24
N GLY A 205 -8.89 -5.64 3.05
CA GLY A 205 -8.98 -6.53 4.19
C GLY A 205 -7.69 -6.61 4.98
N VAL A 206 -6.55 -6.56 4.29
CA VAL A 206 -5.27 -6.55 4.97
C VAL A 206 -5.14 -5.30 5.84
N TYR A 207 -5.50 -4.15 5.29
CA TYR A 207 -5.39 -2.89 6.04
C TYR A 207 -6.32 -2.87 7.23
N LEU A 208 -7.50 -3.50 7.12
CA LEU A 208 -8.35 -3.65 8.28
C LEU A 208 -7.68 -4.46 9.37
N ARG A 209 -6.96 -5.52 8.97
CA ARG A 209 -6.26 -6.33 9.95
C ARG A 209 -5.12 -5.57 10.61
N ILE A 210 -4.39 -4.77 9.83
CA ILE A 210 -3.25 -4.01 10.38
C ILE A 210 -3.74 -3.04 11.45
N PHE A 211 -4.71 -2.21 11.10
CA PHE A 211 -5.21 -1.21 12.04
C PHE A 211 -5.89 -1.87 13.24
N ALA A 212 -6.50 -3.04 13.05
CA ALA A 212 -7.06 -3.76 14.19
C ALA A 212 -5.97 -4.31 15.08
N ALA A 213 -4.98 -4.98 14.49
CA ALA A 213 -3.86 -5.51 15.28
C ALA A 213 -3.06 -4.40 15.93
N ALA A 214 -3.00 -3.23 15.29
CA ALA A 214 -2.29 -2.10 15.90
C ALA A 214 -3.08 -1.54 17.07
N ARG A 215 -4.38 -1.30 16.88
CA ARG A 215 -5.21 -0.78 17.96
C ARG A 215 -5.26 -1.74 19.14
N ARG A 216 -5.23 -3.06 18.86
CA ARG A 216 -5.28 -4.03 19.95
C ARG A 216 -3.99 -4.02 20.77
N GLN A 217 -2.84 -4.01 20.10
CA GLN A 217 -1.57 -3.97 20.81
C GLN A 217 -1.46 -2.72 21.67
N LEU A 218 -1.95 -1.59 21.17
CA LEU A 218 -1.87 -0.33 21.89
C LEU A 218 -2.75 -0.35 23.13
N ALA A 219 -3.82 -1.11 23.07
CA ALA A 219 -4.66 -1.43 24.21
C ALA A 219 -3.99 -2.48 25.10
N ASP A 220 -3.57 -3.59 24.47
CA ASP A 220 -2.94 -4.68 25.21
C ASP A 220 -1.76 -4.20 26.04
N LEU A 221 -1.02 -3.21 25.56
CA LEU A 221 0.12 -2.71 26.31
C LEU A 221 -0.34 -1.87 27.51
N GLU A 222 -1.40 -1.07 27.34
CA GLU A 222 -1.86 -0.22 28.43
C GLU A 222 -2.62 -1.00 29.49
N ASP A 223 -3.16 -2.17 29.15
CA ASP A 223 -3.83 -2.98 30.17
C ASP A 223 -2.82 -3.56 31.16
N ASN A 224 -1.57 -3.72 30.74
CA ASN A 224 -0.52 -4.10 31.68
C ASN A 224 -0.11 -2.91 32.55
N TRP A 225 -0.10 -1.72 31.98
CA TRP A 225 0.22 -0.52 32.76
C TRP A 225 -0.89 -0.18 33.74
N GLU A 226 -2.14 -0.55 33.42
CA GLU A 226 -3.23 -0.36 34.37
C GLU A 226 -3.24 -1.44 35.45
N THR A 227 -2.94 -2.68 35.06
CA THR A 227 -2.85 -3.75 36.06
C THR A 227 -1.68 -3.54 37.00
N LEU A 228 -0.59 -2.94 36.51
CA LEU A 228 0.59 -2.73 37.36
C LEU A 228 0.36 -1.61 38.37
N ASN A 229 -0.44 -0.60 38.01
CA ASN A 229 -0.73 0.50 38.93
C ASN A 229 -1.94 0.21 39.81
N ASP A 230 -2.95 -0.50 39.30
CA ASP A 230 -4.10 -0.83 40.12
C ASP A 230 -3.72 -1.82 41.22
N ASN A 231 -2.93 -2.84 40.90
CA ASN A 231 -2.44 -3.76 41.91
C ASN A 231 -1.45 -3.11 42.86
N LEU A 232 -0.78 -2.05 42.41
CA LEU A 232 0.05 -1.25 43.32
C LEU A 232 -0.78 -0.42 44.29
N LYS A 233 -2.07 -0.19 44.00
CA LYS A 233 -2.99 0.49 44.91
C LYS A 233 -3.86 -0.47 45.69
N VAL A 234 -3.60 -1.77 45.63
CA VAL A 234 -4.43 -2.77 46.28
C VAL A 234 -3.62 -3.33 47.44
N ILE A 235 -2.31 -3.42 47.24
CA ILE A 235 -1.46 -4.10 48.22
C ILE A 235 -1.43 -3.33 49.53
N GLU A 236 -1.40 -2.00 49.49
CA GLU A 236 -1.22 -1.24 50.72
C GLU A 236 -2.48 -1.09 51.55
N LYS A 237 -3.59 -1.72 51.15
CA LYS A 237 -4.80 -1.78 51.98
C LYS A 237 -5.39 -3.18 51.78
N ALA A 238 -4.90 -4.14 52.57
CA ALA A 238 -5.31 -5.53 52.47
C ALA A 238 -5.66 -6.05 53.85
N ASP A 239 -6.85 -6.63 53.98
CA ASP A 239 -7.28 -7.18 55.27
C ASP A 239 -6.49 -8.43 55.61
N ASN A 240 -6.50 -9.42 54.73
CA ASN A 240 -5.76 -10.65 54.98
C ASN A 240 -4.25 -10.39 54.90
N ALA A 241 -3.50 -11.07 55.77
CA ALA A 241 -2.05 -10.91 55.77
C ALA A 241 -1.44 -11.40 54.46
N ALA A 242 -2.05 -12.42 53.85
CA ALA A 242 -1.61 -12.94 52.56
C ALA A 242 -2.50 -12.49 51.41
N GLN A 243 -3.28 -11.43 51.61
CA GLN A 243 -4.11 -10.91 50.52
C GLN A 243 -3.24 -10.30 49.42
N VAL A 244 -2.12 -9.67 49.80
CA VAL A 244 -1.22 -9.09 48.82
C VAL A 244 -0.60 -10.16 47.93
N LYS A 245 -0.56 -11.42 48.40
CA LYS A 245 -0.10 -12.50 47.54
C LYS A 245 -0.93 -12.61 46.28
N ASP A 246 -2.22 -12.27 46.36
CA ASP A 246 -3.06 -12.24 45.16
C ASP A 246 -2.59 -11.15 44.21
N ALA A 247 -2.34 -9.95 44.73
CA ALA A 247 -1.92 -8.83 43.90
C ALA A 247 -0.46 -8.90 43.48
N LEU A 248 0.35 -9.77 44.09
CA LEU A 248 1.74 -9.91 43.70
C LEU A 248 1.94 -11.04 42.69
N THR A 249 1.18 -12.12 42.80
CA THR A 249 1.25 -13.18 41.80
C THR A 249 0.67 -12.71 40.46
N LYS A 250 -0.30 -11.81 40.49
CA LYS A 250 -0.85 -11.27 39.26
C LYS A 250 0.07 -10.22 38.63
N MET A 251 0.86 -9.52 39.44
CA MET A 251 1.80 -8.55 38.90
C MET A 251 3.03 -9.23 38.30
N ARG A 252 3.42 -10.40 38.83
CA ARG A 252 4.53 -11.13 38.23
C ARG A 252 4.19 -11.59 36.82
N ALA A 253 2.99 -12.12 36.62
CA ALA A 253 2.56 -12.49 35.27
C ALA A 253 2.36 -11.27 34.39
N ALA A 254 1.92 -10.15 34.97
CA ALA A 254 1.71 -8.94 34.18
C ALA A 254 3.03 -8.29 33.77
N ALA A 255 4.07 -8.42 34.59
CA ALA A 255 5.38 -7.89 34.21
C ALA A 255 6.02 -8.76 33.14
N LEU A 256 5.86 -10.08 33.22
CA LEU A 256 6.38 -10.97 32.19
C LEU A 256 5.55 -10.87 30.91
N ASP A 257 4.25 -10.62 31.04
CA ASP A 257 3.41 -10.46 29.85
C ASP A 257 3.80 -9.23 29.05
N ALA A 258 4.27 -8.18 29.73
CA ALA A 258 4.77 -6.99 29.05
C ALA A 258 6.24 -7.08 28.71
N GLN A 259 7.00 -7.94 29.41
CA GLN A 259 8.40 -8.16 29.06
C GLN A 259 8.52 -8.99 27.79
N LYS A 260 7.52 -9.83 27.50
CA LYS A 260 7.55 -10.62 26.27
C LYS A 260 7.20 -9.77 25.04
N ALA A 261 6.55 -8.62 25.24
CA ALA A 261 6.18 -7.77 24.10
C ALA A 261 7.42 -7.22 23.41
N THR A 262 8.21 -6.42 24.12
CA THR A 262 9.46 -5.90 23.57
C THR A 262 10.44 -5.56 24.68
N HIS A 281 17.00 -4.62 31.32
CA HIS A 281 17.62 -4.70 32.64
C HIS A 281 16.65 -4.28 33.73
N GLY A 282 15.84 -3.24 33.45
CA GLY A 282 14.91 -2.73 34.43
C GLY A 282 13.81 -3.69 34.80
N PHE A 283 13.56 -4.71 33.97
CA PHE A 283 12.53 -5.70 34.30
C PHE A 283 13.06 -6.72 35.30
N ASP A 284 14.32 -7.11 35.20
CA ASP A 284 14.92 -7.98 36.20
C ASP A 284 15.00 -7.29 37.56
N ILE A 285 15.05 -5.96 37.58
CA ILE A 285 14.91 -5.22 38.84
C ILE A 285 13.45 -5.22 39.29
N LEU A 286 12.52 -5.12 38.34
CA LEU A 286 11.10 -5.07 38.69
C LEU A 286 10.61 -6.42 39.21
N VAL A 287 10.81 -7.48 38.43
CA VAL A 287 10.37 -8.80 38.85
C VAL A 287 11.18 -9.27 40.04
N GLY A 288 12.41 -8.79 40.19
CA GLY A 288 13.20 -9.14 41.37
C GLY A 288 12.59 -8.58 42.64
N GLN A 289 12.18 -7.30 42.60
CA GLN A 289 11.48 -6.71 43.74
C GLN A 289 10.12 -7.35 43.95
N ILE A 290 9.52 -7.90 42.88
CA ILE A 290 8.23 -8.56 43.01
C ILE A 290 8.36 -9.80 43.89
N ASP A 291 9.30 -10.69 43.56
CA ASP A 291 9.47 -11.90 44.35
C ASP A 291 10.05 -11.62 45.73
N ASP A 292 10.65 -10.45 45.94
CA ASP A 292 11.11 -10.09 47.28
C ASP A 292 9.93 -9.85 48.21
N ALA A 293 8.94 -9.08 47.75
CA ALA A 293 7.72 -8.90 48.53
C ALA A 293 6.83 -10.14 48.52
N LEU A 294 7.05 -11.05 47.56
CA LEU A 294 6.26 -12.28 47.53
C LEU A 294 6.69 -13.24 48.63
N LYS A 295 8.00 -13.30 48.92
CA LYS A 295 8.47 -14.16 50.00
C LYS A 295 7.94 -13.73 51.36
N LEU A 296 7.79 -12.41 51.56
CA LEU A 296 7.26 -11.92 52.82
C LEU A 296 5.77 -12.21 52.98
N ALA A 297 5.08 -12.54 51.89
CA ALA A 297 3.70 -12.98 51.96
C ALA A 297 3.56 -14.46 52.28
N ASN A 298 4.60 -15.25 52.01
CA ASN A 298 4.62 -16.66 52.40
C ASN A 298 4.95 -16.85 53.87
N GLU A 299 5.37 -15.80 54.57
CA GLU A 299 5.66 -15.86 55.99
C GLU A 299 4.68 -15.06 56.83
N GLY A 300 3.60 -14.57 56.21
CA GLY A 300 2.57 -13.83 56.92
C GLY A 300 2.95 -12.44 57.35
N LYS A 301 4.13 -11.95 57.01
CA LYS A 301 4.60 -10.62 57.42
C LYS A 301 4.01 -9.61 56.44
N VAL A 302 2.80 -9.12 56.77
CA VAL A 302 2.06 -8.28 55.84
C VAL A 302 2.60 -6.85 55.84
N LYS A 303 2.89 -6.28 57.01
CA LYS A 303 3.33 -4.89 57.07
C LYS A 303 4.72 -4.69 56.48
N GLU A 304 5.55 -5.73 56.47
CA GLU A 304 6.90 -5.60 55.92
C GLU A 304 6.94 -5.82 54.42
N ALA A 305 6.02 -6.64 53.88
CA ALA A 305 5.90 -6.78 52.43
C ALA A 305 5.31 -5.53 51.81
N GLN A 306 4.33 -4.93 52.49
CA GLN A 306 3.76 -3.66 52.03
C GLN A 306 4.83 -2.59 51.89
N ALA A 307 5.85 -2.62 52.76
CA ALA A 307 6.99 -1.71 52.60
C ALA A 307 7.84 -2.11 51.41
N ALA A 308 8.09 -3.41 51.23
CA ALA A 308 8.85 -3.88 50.08
C ALA A 308 8.06 -3.73 48.78
N ALA A 309 6.73 -3.69 48.85
CA ALA A 309 5.92 -3.51 47.66
C ALA A 309 5.96 -2.08 47.12
N GLU A 310 6.46 -1.13 47.90
CA GLU A 310 6.58 0.25 47.44
C GLU A 310 7.95 0.53 46.80
N GLN A 311 8.87 -0.42 46.84
CA GLN A 311 10.09 -0.30 46.04
C GLN A 311 9.78 -0.26 44.56
N LEU A 312 8.64 -0.86 44.16
CA LEU A 312 8.29 -0.94 42.75
C LEU A 312 7.95 0.43 42.18
N LYS A 313 7.49 1.36 43.02
CA LYS A 313 7.11 2.68 42.51
C LYS A 313 8.31 3.43 41.96
N THR A 314 9.47 3.28 42.59
CA THR A 314 10.68 3.94 42.09
C THR A 314 11.18 3.24 40.84
N THR A 315 11.16 1.90 40.81
CA THR A 315 11.59 1.17 39.63
C THR A 315 10.68 1.44 38.44
N ARG A 316 9.39 1.66 38.69
CA ARG A 316 8.44 1.87 37.60
C ARG A 316 8.66 3.21 36.92
N ASN A 317 8.91 4.27 37.69
CA ASN A 317 9.02 5.61 37.11
C ASN A 317 10.29 5.76 36.29
N ALA A 318 11.38 5.08 36.67
CA ALA A 318 12.65 5.28 35.99
C ALA A 318 12.85 4.35 34.80
N TYR A 319 12.21 3.17 34.80
CA TYR A 319 12.47 2.16 33.79
C TYR A 319 11.21 1.73 33.04
N ILE A 320 10.15 1.36 33.76
CA ILE A 320 9.01 0.71 33.10
C ILE A 320 8.22 1.72 32.27
N GLN A 321 7.99 2.92 32.80
CA GLN A 321 7.22 3.92 32.07
C GLN A 321 7.91 4.33 30.78
N LYS A 322 9.24 4.28 30.74
CA LYS A 322 9.96 4.60 29.51
C LYS A 322 9.72 3.54 28.44
N TYR A 323 9.67 2.27 28.84
CA TYR A 323 9.34 1.22 27.88
C TYR A 323 7.93 1.40 27.33
N LEU A 324 6.98 1.77 28.18
CA LEU A 324 5.62 2.05 27.74
C LEU A 324 5.58 3.17 26.73
N GLU A 325 6.47 4.11 27.00
CA GLU A 325 6.34 5.22 26.08
C GLU A 325 7.08 4.94 24.76
N ARG A 326 8.20 4.24 24.84
CA ARG A 326 8.91 3.87 23.62
C ARG A 326 8.10 2.91 22.77
N ALA A 327 7.47 1.91 23.39
CA ALA A 327 6.69 0.95 22.63
C ALA A 327 5.40 1.57 22.11
N ARG A 328 4.85 2.56 22.82
CA ARG A 328 3.69 3.28 22.29
C ARG A 328 4.09 4.18 21.12
N SER A 329 5.33 4.67 21.11
CA SER A 329 5.80 5.51 20.02
C SER A 329 6.11 4.67 18.78
N THR A 330 6.69 3.50 18.96
CA THR A 330 7.01 2.63 17.82
C THR A 330 5.74 2.14 17.13
N LEU A 331 4.73 1.75 17.92
CA LEU A 331 3.46 1.35 17.32
C LEU A 331 2.84 2.49 16.51
N GLN A 332 2.91 3.71 17.04
CA GLN A 332 2.32 4.85 16.34
C GLN A 332 3.03 5.11 15.02
N LYS A 333 4.37 4.97 14.99
CA LYS A 333 5.12 5.18 13.77
C LYS A 333 4.80 4.13 12.72
N GLU A 334 4.46 2.90 13.14
CA GLU A 334 4.05 1.87 12.19
C GLU A 334 2.64 2.14 11.67
N VAL A 335 1.74 2.58 12.54
CA VAL A 335 0.39 2.93 12.12
C VAL A 335 0.44 4.07 11.11
N HIS A 336 1.25 5.09 11.38
CA HIS A 336 1.37 6.20 10.44
C HIS A 336 1.92 5.72 9.10
N ALA A 337 2.93 4.85 9.13
CA ALA A 337 3.43 4.27 7.88
C ALA A 337 2.40 3.36 7.25
N ALA A 338 1.56 2.70 8.06
CA ALA A 338 0.48 1.89 7.51
C ALA A 338 -0.59 2.75 6.86
N LYS A 339 -0.84 3.94 7.42
CA LYS A 339 -1.81 4.84 6.81
C LYS A 339 -1.27 5.46 5.54
N SER A 340 0.03 5.77 5.52
CA SER A 340 0.62 6.37 4.31
C SER A 340 0.51 5.43 3.12
N ALA A 341 0.81 4.14 3.32
CA ALA A 341 0.66 3.18 2.23
C ALA A 341 -0.81 3.01 1.85
N ALA A 342 -1.72 3.18 2.81
CA ALA A 342 -3.15 3.01 2.51
C ALA A 342 -3.67 4.14 1.65
N ILE A 343 -3.16 5.37 1.82
CA ILE A 343 -3.53 6.47 0.94
C ILE A 343 -3.15 6.15 -0.50
N ILE A 344 -2.00 5.51 -0.69
CA ILE A 344 -1.49 5.23 -2.03
C ILE A 344 -2.43 4.28 -2.76
N ALA A 345 -2.79 3.18 -2.10
CA ALA A 345 -3.71 2.22 -2.71
C ALA A 345 -5.09 2.85 -2.91
N GLY A 346 -5.51 3.70 -1.98
CA GLY A 346 -6.81 4.35 -2.12
C GLY A 346 -6.85 5.31 -3.29
N LEU A 347 -5.78 6.07 -3.49
CA LEU A 347 -5.69 6.94 -4.65
C LEU A 347 -5.68 6.15 -5.95
N PHE A 348 -5.07 4.96 -5.92
CA PHE A 348 -5.06 4.12 -7.11
C PHE A 348 -6.48 3.77 -7.54
N ALA A 349 -7.32 3.38 -6.57
CA ALA A 349 -8.70 3.04 -6.88
C ALA A 349 -9.48 4.26 -7.35
N LEU A 350 -9.25 5.41 -6.70
CA LEU A 350 -9.97 6.63 -7.06
C LEU A 350 -9.68 7.04 -8.50
N CYS A 351 -8.46 6.80 -8.98
CA CYS A 351 -8.10 7.26 -10.31
C CYS A 351 -8.52 6.28 -11.40
N TRP A 352 -8.63 4.99 -11.07
CA TRP A 352 -8.92 3.97 -12.08
C TRP A 352 -10.38 3.52 -12.11
N LEU A 353 -11.08 3.60 -10.98
CA LEU A 353 -12.48 3.18 -10.97
C LEU A 353 -13.34 3.88 -12.02
N PRO A 354 -13.25 5.21 -12.23
CA PRO A 354 -14.12 5.83 -13.25
C PRO A 354 -14.01 5.16 -14.61
N LEU A 355 -12.80 4.89 -15.09
CA LEU A 355 -12.65 4.21 -16.37
C LEU A 355 -13.27 2.82 -16.32
N HIS A 356 -13.01 2.07 -15.25
CA HIS A 356 -13.58 0.74 -15.12
C HIS A 356 -15.11 0.76 -15.08
N ILE A 357 -15.69 1.73 -14.35
CA ILE A 357 -17.13 1.81 -14.26
C ILE A 357 -17.73 2.22 -15.61
N ILE A 358 -17.04 3.11 -16.33
CA ILE A 358 -17.50 3.47 -17.68
C ILE A 358 -17.55 2.24 -18.56
N ASN A 359 -16.55 1.37 -18.44
CA ASN A 359 -16.60 0.11 -19.18
C ASN A 359 -17.77 -0.76 -18.73
N CYS A 360 -18.08 -0.73 -17.43
CA CYS A 360 -19.16 -1.58 -16.92
C CYS A 360 -20.52 -1.16 -17.48
N PHE A 361 -20.72 0.13 -17.76
CA PHE A 361 -21.99 0.58 -18.31
C PHE A 361 -22.13 0.18 -19.77
N THR A 362 -21.09 0.43 -20.57
CA THR A 362 -21.13 0.07 -21.98
C THR A 362 -21.39 -1.42 -22.17
N PHE A 363 -20.84 -2.24 -21.27
CA PHE A 363 -20.98 -3.69 -21.37
C PHE A 363 -22.35 -4.14 -20.87
N PHE A 364 -22.69 -3.79 -19.63
CA PHE A 364 -23.91 -4.28 -18.99
C PHE A 364 -25.17 -3.56 -19.46
N CYS A 365 -25.05 -2.47 -20.23
CA CYS A 365 -26.22 -1.74 -20.73
C CYS A 365 -25.98 -1.29 -22.15
N PRO A 366 -26.24 -2.15 -23.14
CA PRO A 366 -26.10 -1.73 -24.54
C PRO A 366 -27.12 -0.71 -24.96
N ASP A 367 -28.16 -0.47 -24.16
CA ASP A 367 -29.19 0.51 -24.50
C ASP A 367 -28.88 1.90 -23.94
N CYS A 368 -28.06 1.99 -22.90
CA CYS A 368 -27.74 3.27 -22.28
C CYS A 368 -26.97 4.15 -23.25
N SER A 369 -26.86 5.42 -22.88
CA SER A 369 -26.10 6.39 -23.67
C SER A 369 -24.63 6.26 -23.31
N HIS A 370 -23.79 6.01 -24.31
CA HIS A 370 -22.37 5.86 -24.05
C HIS A 370 -21.74 7.18 -23.65
N ALA A 371 -20.77 7.11 -22.75
CA ALA A 371 -20.16 8.31 -22.21
C ALA A 371 -19.54 9.15 -23.32
N PRO A 372 -19.73 10.47 -23.29
CA PRO A 372 -19.16 11.32 -24.34
C PRO A 372 -17.64 11.25 -24.36
N LEU A 373 -17.07 11.76 -25.46
CA LEU A 373 -15.63 11.66 -25.64
C LEU A 373 -14.88 12.55 -24.65
N TRP A 374 -15.46 13.69 -24.26
CA TRP A 374 -14.77 14.58 -23.32
C TRP A 374 -14.66 13.95 -21.94
N LEU A 375 -15.70 13.23 -21.51
CA LEU A 375 -15.63 12.54 -20.23
C LEU A 375 -14.64 11.39 -20.29
N MET A 376 -14.60 10.67 -21.42
CA MET A 376 -13.61 9.62 -21.61
C MET A 376 -12.20 10.17 -21.43
N TYR A 377 -11.85 11.22 -22.18
CA TYR A 377 -10.55 11.85 -22.02
C TYR A 377 -10.33 12.26 -20.56
N LEU A 378 -11.37 12.77 -19.91
CA LEU A 378 -11.26 13.09 -18.49
C LEU A 378 -10.94 11.85 -17.67
N ALA A 379 -11.67 10.76 -17.92
CA ALA A 379 -11.42 9.52 -17.20
C ALA A 379 -10.03 8.98 -17.51
N ILE A 380 -9.58 9.10 -18.76
CA ILE A 380 -8.25 8.62 -19.12
C ILE A 380 -7.18 9.46 -18.43
N VAL A 381 -7.32 10.78 -18.49
CA VAL A 381 -6.37 11.68 -17.83
C VAL A 381 -6.36 11.43 -16.33
N LEU A 382 -7.53 11.14 -15.75
CA LEU A 382 -7.60 10.86 -14.32
C LEU A 382 -6.76 9.65 -13.94
N ALA A 383 -6.78 8.62 -14.78
CA ALA A 383 -6.02 7.40 -14.47
C ALA A 383 -4.53 7.62 -14.62
N HIS A 384 -4.12 8.50 -15.53
CA HIS A 384 -2.69 8.79 -15.67
C HIS A 384 -2.18 9.66 -14.52
N THR A 385 -3.04 10.49 -13.93
N THR A 385 -3.04 10.50 -13.93
CA THR A 385 -2.63 11.34 -12.83
CA THR A 385 -2.60 11.34 -12.83
C THR A 385 -2.21 10.54 -11.61
C THR A 385 -2.17 10.52 -11.62
N ASN A 386 -2.66 9.29 -11.48
CA ASN A 386 -2.23 8.44 -10.38
C ASN A 386 -0.72 8.24 -10.38
N SER A 387 -0.09 8.35 -11.54
CA SER A 387 1.36 8.19 -11.67
C SER A 387 2.13 9.40 -11.16
N VAL A 388 1.44 10.49 -10.84
CA VAL A 388 2.10 11.68 -10.32
C VAL A 388 1.97 11.83 -8.81
N VAL A 389 0.95 11.21 -8.21
CA VAL A 389 0.65 11.50 -6.80
C VAL A 389 1.50 10.69 -5.83
N ASN A 390 2.06 9.56 -6.26
CA ASN A 390 2.85 8.74 -5.35
CA ASN A 390 2.86 8.74 -5.35
C ASN A 390 4.08 9.48 -4.82
N PRO A 391 4.88 10.18 -5.64
CA PRO A 391 6.05 10.88 -5.06
C PRO A 391 5.68 12.00 -4.11
N PHE A 392 4.52 12.64 -4.29
CA PHE A 392 4.11 13.69 -3.36
C PHE A 392 3.63 13.15 -2.03
N ILE A 393 3.22 11.88 -1.98
CA ILE A 393 2.76 11.32 -0.72
C ILE A 393 3.93 11.04 0.22
N TYR A 394 4.96 10.35 -0.28
CA TYR A 394 6.15 10.13 0.53
C TYR A 394 6.80 11.45 0.90
N ALA A 395 6.77 12.42 -0.01
CA ALA A 395 7.36 13.73 0.27
C ALA A 395 6.61 14.47 1.36
N TYR A 396 5.30 14.23 1.49
CA TYR A 396 4.50 14.90 2.50
C TYR A 396 4.26 14.06 3.75
N ARG A 397 4.46 12.74 3.68
CA ARG A 397 4.13 11.87 4.80
C ARG A 397 5.29 11.03 5.32
N ILE A 398 6.46 11.09 4.70
CA ILE A 398 7.62 10.33 5.15
C ILE A 398 8.77 11.30 5.34
N ARG A 399 9.25 11.40 6.59
CA ARG A 399 10.28 12.38 6.90
C ARG A 399 11.59 12.07 6.18
N GLU A 400 11.98 10.80 6.16
CA GLU A 400 13.27 10.43 5.56
C GLU A 400 13.25 10.66 4.06
N PHE A 401 12.14 10.34 3.38
CA PHE A 401 12.03 10.62 1.96
C PHE A 401 12.10 12.12 1.70
N ARG A 402 11.46 12.91 2.57
CA ARG A 402 11.39 14.36 2.35
C ARG A 402 12.77 15.00 2.36
N GLN A 403 13.59 14.66 3.36
CA GLN A 403 14.91 15.26 3.44
C GLN A 403 15.82 14.77 2.33
N THR A 404 15.63 13.54 1.86
CA THR A 404 16.43 13.06 0.73
C THR A 404 16.04 13.78 -0.55
N PHE A 405 14.75 14.09 -0.72
CA PHE A 405 14.31 14.83 -1.90
C PHE A 405 14.93 16.22 -1.94
N ARG A 406 15.08 16.86 -0.78
CA ARG A 406 15.65 18.20 -0.76
C ARG A 406 17.14 18.18 -1.09
N LYS A 407 17.88 17.21 -0.54
CA LYS A 407 19.33 17.15 -0.79
C LYS A 407 19.65 16.92 -2.26
N ILE A 408 18.85 16.08 -2.93
CA ILE A 408 19.08 15.81 -4.35
C ILE A 408 18.92 17.09 -5.17
N ILE A 409 17.92 17.90 -4.83
CA ILE A 409 17.66 19.12 -5.58
C ILE A 409 18.66 20.22 -5.22
N ARG A 410 19.02 20.31 -3.94
CA ARG A 410 19.99 21.33 -3.51
C ARG A 410 21.35 21.10 -4.14
N SER A 411 21.78 19.84 -4.25
CA SER A 411 23.04 19.51 -4.91
C SER A 411 22.85 19.40 -6.42
C13 9XW B . -9.06 2.30 -21.77
C15 9XW B . -11.58 2.06 -22.20
C17 9XW B . -13.33 2.53 -23.98
C20 9XW B . -15.30 2.91 -25.58
C21 9XW B . -16.24 4.08 -25.29
C22 9XW B . -17.29 3.72 -24.27
C26 9XW B . -15.78 1.92 -23.41
C28 9XW B . -9.82 1.64 -20.82
C01 9XW B . -9.63 0.71 -17.28
C03 9XW B . -9.22 1.11 -19.63
C04 9XW B . -7.88 1.26 -19.43
C05 9XW B . -7.09 1.94 -20.40
C06 9XW B . -7.67 2.46 -21.57
C08 9XW B . -6.05 2.38 -23.45
C09 9XW B . -4.90 3.15 -24.03
C11 9XW B . -6.05 5.19 -23.60
C12 9XW B . -7.22 4.42 -23.03
C23 9XW B . -17.98 4.99 -23.80
C25 9XW B . -16.74 3.03 -23.05
N07 9XW B . -6.84 3.14 -22.54
N16 9XW B . -12.94 2.04 -22.67
N19 9XW B . -14.76 2.45 -24.33
N27 9XW B . -11.16 1.51 -21.06
O02 9XW B . -10.03 0.43 -18.65
O10 9XW B . -5.33 4.41 -24.56
O18 9XW B . -12.53 2.98 -24.77
O24 9XW B . -18.25 2.86 -24.88
S14 9XW B . -10.18 2.76 -23.00
C1 CLR C . 2.97 0.05 -35.63
C2 CLR C . 1.94 -0.12 -36.74
C3 CLR C . 2.09 -1.49 -37.39
C4 CLR C . 1.76 -2.54 -36.33
C5 CLR C . 2.68 -2.38 -35.15
C6 CLR C . 3.31 -3.47 -34.67
C7 CLR C . 4.36 -3.45 -33.59
C8 CLR C . 4.31 -2.16 -32.77
C9 CLR C . 4.12 -0.95 -33.67
C10 CLR C . 2.85 -1.01 -34.53
C11 CLR C . 4.18 0.34 -32.85
C12 CLR C . 5.50 0.47 -32.09
C13 CLR C . 5.67 -0.73 -31.17
C14 CLR C . 5.62 -1.99 -32.02
C15 CLR C . 6.07 -3.10 -31.10
C16 CLR C . 7.15 -2.42 -30.25
C17 CLR C . 7.03 -0.90 -30.48
C18 CLR C . 4.57 -0.78 -30.12
C19 CLR C . 1.63 -0.72 -33.67
C20 CLR C . 7.27 -0.13 -29.18
C21 CLR C . 7.45 1.37 -29.41
C22 CLR C . 8.49 -0.70 -28.48
C23 CLR C . 9.12 0.25 -27.47
C24 CLR C . 10.49 -0.29 -27.04
C25 CLR C . 11.10 0.55 -25.94
C26 CLR C . 12.52 0.06 -25.62
C27 CLR C . 11.11 2.03 -26.30
O1 CLR C . 1.18 -1.60 -38.49
C1 CLR D . -23.01 6.01 -17.12
C2 CLR D . -23.71 5.74 -18.43
C3 CLR D . -24.56 6.94 -18.83
C4 CLR D . -23.62 8.11 -19.10
C5 CLR D . -22.82 8.37 -17.85
C6 CLR D . -22.78 9.62 -17.36
C7 CLR D . -22.14 9.99 -16.05
C8 CLR D . -21.05 8.99 -15.70
C9 CLR D . -21.59 7.57 -15.80
C10 CLR D . -22.08 7.22 -17.21
C11 CLR D . -20.57 6.53 -15.30
C12 CLR D . -20.06 6.84 -13.89
C13 CLR D . -19.49 8.25 -13.84
C14 CLR D . -20.59 9.21 -14.26
C15 CLR D . -20.05 10.59 -13.90
C16 CLR D . -19.27 10.32 -12.61
C17 CLR D . -19.10 8.80 -12.49
C18 CLR D . -18.29 8.36 -14.78
C19 CLR D . -20.89 6.88 -18.10
C20 CLR D . -17.71 8.43 -11.98
C21 CLR D . -17.66 7.01 -11.43
C22 CLR D . -17.25 9.44 -10.94
C23 CLR D . -16.15 8.90 -10.03
C24 CLR D . -16.64 8.83 -8.59
C25 CLR D . -15.68 8.02 -7.72
C26 CLR D . -15.61 6.56 -8.18
C27 CLR D . -14.29 8.67 -7.73
O1 CLR D . -25.32 6.64 -20.01
C1 CLR E . -25.16 -2.52 -14.44
C2 CLR E . -26.14 -2.35 -15.59
C3 CLR E . -27.14 -1.25 -15.33
C4 CLR E . -26.40 0.07 -15.12
C5 CLR E . -25.38 -0.11 -14.02
C6 CLR E . -25.38 0.75 -12.99
C7 CLR E . -24.53 0.58 -11.77
C8 CLR E . -23.26 -0.17 -12.11
C9 CLR E . -23.57 -1.46 -12.85
C10 CLR E . -24.38 -1.24 -14.14
C11 CLR E . -22.29 -2.26 -13.11
C12 CLR E . -21.51 -2.55 -11.83
C13 CLR E . -21.20 -1.24 -11.10
C14 CLR E . -22.52 -0.55 -10.83
C15 CLR E . -22.17 0.57 -9.87
C16 CLR E . -21.12 -0.07 -8.98
C17 CLR E . -20.64 -1.34 -9.68
C18 CLR E . -20.31 -0.36 -11.95
C19 CLR E . -23.44 -0.92 -15.30
C20 CLR E . -19.12 -1.50 -9.53
C21 CLR E . -18.58 -2.82 -10.03
C22 CLR E . -18.76 -1.33 -8.05
C23 CLR E . -17.28 -1.52 -7.79
C24 CLR E . -16.98 -1.94 -6.36
C25 CLR E . -16.88 -0.76 -5.39
C26 CLR E . -15.93 -1.09 -4.25
C27 CLR E . -16.47 0.54 -6.08
O1 CLR E . -28.01 -1.13 -16.46
C1 OLA F . -0.46 9.55 -37.40
O1 OLA F . -1.55 9.89 -37.92
O2 OLA F . 0.31 8.72 -37.94
C2 OLA F . -0.07 10.15 -36.07
C3 OLA F . 0.12 9.05 -35.04
C4 OLA F . 0.45 9.63 -33.67
C5 OLA F . 1.72 10.46 -33.71
C6 OLA F . 2.72 10.01 -32.65
C7 OLA F . 2.52 10.73 -31.33
C8 OLA F . 3.85 10.92 -30.62
C9 OLA F . 3.71 11.94 -29.52
C10 OLA F . 4.51 11.91 -28.45
C11 OLA F . 5.60 10.87 -28.32
C12 OLA F . 6.81 11.50 -27.66
C13 OLA F . 7.80 10.44 -27.17
C14 OLA F . 8.52 10.91 -25.91
C15 OLA F . 9.59 9.92 -25.45
C16 OLA F . 10.29 10.44 -24.20
C17 OLA F . 11.56 9.66 -23.89
C18 OLA F . 12.23 10.17 -22.63
C1 OLA G . 26.73 7.23 -8.36
O1 OLA G . 26.97 8.40 -7.96
O2 OLA G . 26.61 6.26 -7.59
C2 OLA G . 26.56 7.00 -9.85
C3 OLA G . 25.32 6.13 -10.06
C4 OLA G . 24.88 6.16 -11.52
C5 OLA G . 23.75 5.16 -11.78
C6 OLA G . 22.62 5.33 -10.77
C7 OLA G . 21.65 4.16 -10.83
C8 OLA G . 20.32 4.53 -11.47
C9 OLA G . 19.28 4.79 -10.40
C10 OLA G . 18.26 5.63 -10.61
C11 OLA G . 18.10 6.34 -11.93
C12 OLA G . 16.80 5.93 -12.59
C13 OLA G . 16.68 6.58 -13.96
C14 OLA G . 15.58 5.95 -14.80
C15 OLA G . 15.53 6.61 -16.18
C16 OLA G . 14.48 5.95 -17.09
C17 OLA G . 14.16 6.85 -18.28
C1 OLA H . 6.18 -10.01 1.27
O1 OLA H . 6.19 -8.78 1.01
O2 OLA H . 6.98 -10.54 2.06
C2 OLA H . 5.14 -10.87 0.58
C3 OLA H . 4.52 -10.07 -0.57
C4 OLA H . 3.54 -10.91 -1.38
C5 OLA H . 3.18 -10.18 -2.67
C6 OLA H . 2.02 -10.87 -3.39
C7 OLA H . 1.63 -10.09 -4.64
C1 OLA I . -1.35 16.17 -8.79
O1 OLA I . -2.23 17.01 -8.51
O2 OLA I . -0.86 15.40 -7.93
C2 OLA I . -0.85 16.07 -10.21
C3 OLA I . -1.71 16.93 -11.14
C4 OLA I . -1.21 16.90 -12.58
C5 OLA I . -2.02 17.86 -13.44
C6 OLA I . -1.43 17.99 -14.84
C7 OLA I . -2.37 18.76 -15.76
C1 OLA J . -13.77 17.03 -26.97
O1 OLA J . -14.53 17.44 -27.87
O2 OLA J . -13.29 15.87 -26.95
C2 OLA J . -13.40 17.98 -25.85
C3 OLA J . -11.90 17.99 -25.68
C4 OLA J . -11.47 18.86 -24.51
C5 OLA J . -10.36 18.18 -23.73
C6 OLA J . -10.92 17.33 -22.60
C7 OLA J . -9.87 16.36 -22.07
C8 OLA J . -8.62 17.08 -21.60
C9 OLA J . -8.95 17.88 -20.36
C10 OLA J . -8.06 17.98 -19.37
C11 OLA J . -8.42 18.79 -18.15
C12 OLA J . -7.80 18.17 -16.90
C13 OLA J . -8.37 18.83 -15.66
C14 OLA J . -9.86 18.52 -15.51
C15 OLA J . -10.70 19.80 -15.50
C16 OLA J . -11.87 19.70 -16.47
C1 OLA K . 12.02 -20.56 -6.36
O1 OLA K . 12.29 -20.76 -5.16
O2 OLA K . 12.70 -21.04 -7.30
C2 OLA K . 10.84 -19.68 -6.70
C3 OLA K . 9.80 -20.43 -7.52
C4 OLA K . 8.81 -19.46 -8.15
C5 OLA K . 7.36 -19.91 -8.01
C6 OLA K . 6.41 -18.83 -8.49
C7 OLA K . 4.97 -19.31 -8.55
C8 OLA K . 4.44 -19.30 -9.98
C9 OLA K . 3.10 -20.01 -10.04
C10 OLA K . 2.17 -19.71 -10.94
C11 OLA K . 2.38 -18.65 -12.00
C12 OLA K . 1.92 -19.16 -13.36
C13 OLA K . 0.47 -19.64 -13.35
C14 OLA K . -0.51 -18.48 -13.26
C15 OLA K . -0.87 -17.90 -14.62
C16 OLA K . -1.86 -16.74 -14.48
C17 OLA K . -2.70 -16.53 -15.74
C18 OLA K . -1.86 -16.05 -16.90
C1 OLA L . -7.18 5.41 4.81
O1 OLA L . -6.66 5.88 5.86
O2 OLA L . -7.33 4.18 4.62
C2 OLA L . -7.65 6.37 3.75
C3 OLA L . -7.29 5.82 2.38
C4 OLA L . -8.19 6.35 1.27
C5 OLA L . -7.85 7.78 0.85
C6 OLA L . -7.94 7.95 -0.67
C7 OLA L . -9.39 8.06 -1.17
C8 OLA L . -9.86 6.80 -1.88
C9 OLA L . -10.69 5.99 -0.92
C10 OLA L . -11.75 5.27 -1.33
C11 OLA L . -12.16 5.22 -2.78
C12 OLA L . -12.52 3.79 -3.14
C13 OLA L . -13.89 3.71 -3.79
C1 OLA M . 12.32 -15.85 -5.14
O1 OLA M . 11.35 -15.64 -4.38
O2 OLA M . 13.51 -15.73 -4.75
C2 OLA M . 12.07 -16.26 -6.57
C3 OLA M . 13.38 -16.41 -7.33
C4 OLA M . 13.19 -17.00 -8.72
C5 OLA M . 12.37 -16.10 -9.64
C6 OLA M . 12.95 -16.06 -11.05
C7 OLA M . 11.92 -15.62 -12.08
C8 OLA M . 10.86 -16.70 -12.28
C9 OLA M . 9.60 -16.10 -12.86
C10 OLA M . 8.52 -16.87 -13.02
C11 OLA M . 7.25 -16.31 -13.59
C12 OLA M . 6.24 -17.42 -13.79
C1 OLA N . 21.34 -2.85 -6.82
O1 OLA N . 21.97 -1.94 -7.40
O2 OLA N . 21.70 -3.34 -5.72
C2 OLA N . 20.09 -3.40 -7.47
C3 OLA N . 19.72 -2.55 -8.69
C4 OLA N . 18.52 -3.14 -9.42
C5 OLA N . 18.11 -2.29 -10.62
C6 OLA N . 17.20 -3.06 -11.56
C7 OLA N . 16.79 -2.22 -12.75
C8 OLA N . 15.92 -3.02 -13.72
C9 OLA N . 15.38 -2.12 -14.80
C1 OLA O . -7.62 0.93 0.90
O1 OLA O . -7.70 1.03 2.15
O2 OLA O . -6.56 1.06 0.28
C2 OLA O . -8.87 0.66 0.11
C3 OLA O . -8.51 0.45 -1.35
C4 OLA O . -9.73 0.60 -2.25
C5 OLA O . -10.98 -0.04 -1.64
C6 OLA O . -12.12 -0.14 -2.66
C7 OLA O . -11.96 -1.37 -3.55
C10 OLC P . 3.50 -17.30 -16.57
C9 OLC P . 3.10 -16.63 -17.64
C8 OLC P . 4.10 -16.23 -18.71
C24 OLC P . 1.00 -15.39 -31.17
C7 OLC P . 3.57 -16.53 -20.11
C6 OLC P . 4.02 -17.88 -20.62
C5 OLC P . 4.37 -17.86 -22.10
C4 OLC P . 3.18 -17.44 -22.94
C3 OLC P . 3.52 -17.40 -24.43
C2 OLC P . 2.62 -16.42 -25.17
C21 OLC P . 2.03 -15.95 -28.96
C1 OLC P . 2.77 -16.56 -26.66
C22 OLC P . 1.01 -15.06 -29.68
O19 OLC P . 3.56 -17.37 -27.12
O25 OLC P . 0.09 -14.51 -31.85
O23 OLC P . -0.29 -15.28 -29.12
O20 OLC P . 1.98 -15.74 -27.56
C9 OLC Q . -19.36 -6.57 -6.08
C8 OLC Q . -19.77 -5.84 -7.34
C24 OLC Q . -28.53 -7.60 -17.78
C7 OLC Q . -20.42 -6.80 -8.33
C6 OLC Q . -21.03 -6.04 -9.49
C5 OLC Q . -21.83 -6.95 -10.42
C4 OLC Q . -22.65 -6.12 -11.41
C3 OLC Q . -23.56 -6.99 -12.27
C2 OLC Q . -24.42 -6.14 -13.20
C21 OLC Q . -26.97 -7.38 -15.86
C1 OLC Q . -25.34 -7.03 -14.00
C22 OLC Q . -27.51 -6.68 -17.10
O19 OLC Q . -25.46 -8.21 -13.71
O25 OLC Q . -29.54 -6.81 -18.41
O23 OLC Q . -28.16 -5.46 -16.73
O20 OLC Q . -26.09 -6.51 -15.14
C10 OLC R . 4.16 17.44 -30.09
C9 OLC R . 4.13 16.13 -30.34
C11 OLC R . 5.47 18.20 -30.16
C8 OLC R . 2.83 15.38 -30.27
C24 OLC R . -7.66 12.57 -35.68
C7 OLC R . 2.55 14.72 -31.62
C6 OLC R . 1.11 14.96 -32.03
C5 OLC R . 0.67 13.99 -33.11
C4 OLC R . -0.83 14.12 -33.35
C3 OLC R . -1.17 15.50 -33.90
C2 OLC R . -2.66 15.79 -33.84
C21 OLC R . -5.54 13.87 -35.58
C1 OLC R . -3.40 14.98 -34.88
C22 OLC R . -7.01 13.84 -35.16
O19 OLC R . -2.80 14.42 -35.78
O25 OLC R . -9.01 12.51 -35.22
O23 OLC R . -7.11 13.88 -33.73
O20 OLC R . -4.85 14.85 -34.80
C10 OLC S . -15.74 -8.59 -6.77
C9 OLC S . -16.40 -9.58 -7.35
C8 OLC S . -17.89 -9.47 -7.55
C24 OLC S . -25.24 -9.98 -17.93
C7 OLC S . -18.28 -10.12 -8.86
C6 OLC S . -19.78 -10.29 -9.00
C5 OLC S . -20.13 -11.13 -10.23
C4 OLC S . -21.59 -10.97 -10.65
C3 OLC S . -21.77 -11.49 -12.08
C2 OLC S . -23.18 -11.24 -12.61
C21 OLC S . -24.26 -11.62 -16.32
C1 OLC S . -23.14 -11.42 -14.11
C22 OLC S . -25.54 -11.18 -17.02
O19 OLC S . -22.08 -11.61 -14.67
O25 OLC S . -24.35 -10.38 -18.98
O23 OLC S . -26.05 -12.26 -17.81
O20 OLC S . -24.35 -11.35 -14.92
C18 OLC T . 13.81 -6.85 -10.65
C10 OLC T . 9.04 -10.08 -18.89
C9 OLC T . 7.81 -10.40 -19.27
C17 OLC T . 13.41 -6.55 -12.09
C11 OLC T . 9.27 -9.05 -17.79
C8 OLC T . 7.60 -11.44 -20.36
C24 OLC T . 1.81 -11.07 -30.51
C16 OLC T . 12.65 -7.72 -12.71
C12 OLC T . 10.46 -9.44 -16.92
C7 OLC T . 6.33 -12.26 -20.11
C15 OLC T . 12.29 -7.42 -14.17
C13 OLC T . 11.02 -8.22 -16.20
C6 OLC T . 5.33 -12.08 -21.24
C14 OLC T . 11.55 -8.59 -14.82
C5 OLC T . 4.21 -13.12 -21.19
C4 OLC T . 3.09 -12.85 -22.20
C3 OLC T . 3.65 -12.36 -23.53
C2 OLC T . 2.67 -12.55 -24.68
C21 OLC T . 2.98 -11.21 -28.31
C1 OLC T . 3.16 -11.78 -25.89
C22 OLC T . 2.77 -11.89 -29.66
O19 OLC T . 3.97 -10.89 -25.75
O25 OLC T . 1.47 -11.76 -31.72
O23 OLC T . 4.02 -11.99 -30.34
O20 OLC T . 2.69 -12.09 -27.23
C18 OLC U . 14.01 6.42 -23.59
C10 OLC U . 5.52 6.13 -28.68
C9 OLC U . 4.70 5.98 -29.72
C17 OLC U . 13.29 5.72 -24.73
C11 OLC U . 6.95 5.64 -28.75
C8 OLC U . 5.19 5.32 -30.98
C24 OLC U . 0.04 3.64 -42.63
C16 OLC U . 11.88 6.26 -24.89
C12 OLC U . 7.82 6.52 -27.85
C7 OLC U . 4.02 4.68 -31.71
C15 OLC U . 11.21 5.74 -26.16
C13 OLC U . 9.17 5.84 -27.61
C6 OLC U . 4.48 4.02 -33.00
C14 OLC U . 9.88 6.44 -26.41
C5 OLC U . 3.34 3.84 -33.98
C4 OLC U . 2.92 5.19 -34.57
C3 OLC U . 3.15 5.25 -36.08
C2 OLC U . 2.36 4.16 -36.79
C21 OLC U . 1.08 4.20 -40.45
C1 OLC U . 1.97 4.66 -38.17
C22 OLC U . 0.16 3.23 -41.17
O19 OLC U . 2.23 5.80 -38.51
O25 OLC U . -0.64 2.61 -43.36
O23 OLC U . 0.69 1.90 -41.08
O20 OLC U . 1.29 3.78 -39.10
C10 OLC V . 10.43 -4.53 -15.19
C9 OLC V . 11.19 -4.14 -14.17
C17 OLC V . 8.37 -2.48 -23.50
C11 OLC V . 9.82 -3.55 -16.15
C8 OLC V . 11.47 -2.70 -13.87
C24 OLC V . 17.75 -6.59 -3.39
C16 OLC V . 9.38 -2.93 -22.45
C12 OLC V . 10.07 -4.04 -17.58
C7 OLC V . 11.26 -2.45 -12.38
C15 OLC V . 8.77 -2.86 -21.04
C13 OLC V . 9.17 -3.33 -18.59
C6 OLC V . 12.47 -2.85 -11.54
C14 OLC V . 9.69 -3.52 -20.02
C5 OLC V . 12.15 -2.67 -10.06
C4 OLC V . 13.39 -2.82 -9.19
C3 OLC V . 13.01 -2.77 -7.71
C2 OLC V . 14.24 -2.61 -6.80
C21 OLC V . 16.24 -5.39 -4.96
C1 OLC V . 14.85 -3.97 -6.51
C22 OLC V . 17.50 -5.27 -4.10
O19 OLC V . 14.51 -4.96 -7.13
O25 OLC V . 18.97 -6.54 -2.62
O23 OLC V . 18.61 -4.96 -4.93
O20 OLC V . 15.85 -4.10 -5.45
C10 OLC W . 12.37 1.82 -16.61
C9 OLC W . 12.31 2.14 -15.32
C11 OLC W . 13.39 0.85 -17.14
C8 OLC W . 13.29 1.53 -14.34
C24 OLC W . 19.75 -0.48 -3.68
C12 OLC W . 12.74 -0.53 -17.32
C7 OLC W . 13.21 2.29 -13.02
C15 OLC W . 12.71 -1.65 -21.03
C13 OLC W . 13.22 -1.22 -18.60
C6 OLC W . 14.11 1.67 -11.96
C14 OLC W . 12.36 -0.82 -19.80
C5 OLC W . 15.47 2.35 -11.97
C4 OLC W . 16.43 1.64 -11.02
C3 OLC W . 16.03 1.86 -9.57
C2 OLC W . 16.45 0.65 -8.74
C21 OLC W . 18.25 0.47 -5.45
C1 OLC W . 16.67 1.06 -7.31
C22 OLC W . 18.52 -0.72 -4.56
O19 OLC W . 16.40 2.19 -6.93
O25 OLC W . 20.05 -1.66 -2.94
O23 OLC W . 17.39 -0.95 -3.72
O20 OLC W . 17.23 0.10 -6.38
NA NA X . 0.29 3.55 -12.32
#